data_7RXU
#
_entry.id   7RXU
#
_cell.length_a   89.071
_cell.length_b   89.071
_cell.length_c   118.220
_cell.angle_alpha   90.000
_cell.angle_beta   90.000
_cell.angle_gamma   120.000
#
_symmetry.space_group_name_H-M   'P 62 2 2'
#
loop_
_entity.id
_entity.type
_entity.pdbx_description
1 polymer Lipoprotein
2 non-polymer GLYCEROL
3 non-polymer 1,2-ETHANEDIOL
4 water water
#
_entity_poly.entity_id   1
_entity_poly.type   'polypeptide(L)'
_entity_poly.pdbx_seq_one_letter_code
;CGYIPTSKIANNIFDEKVYVNVELSQQDPKNSIYVADTLKEMVISKLGRKLALKHEADDVINVKMNNLEFIPLAYDKNGY
VISYKAKLNLDFNVVFKDGSSQAFSTSGSYNFEISPNSIISDSARYEAIRAASSEAFDEFISVIAIKGQKRDSKY
;
_entity_poly.pdbx_strand_id   A
#
loop_
_chem_comp.id
_chem_comp.type
_chem_comp.name
_chem_comp.formula
EDO non-polymer 1,2-ETHANEDIOL 'C2 H6 O2'
GOL non-polymer GLYCEROL 'C3 H8 O3'
#
# COMPACT_ATOMS: atom_id res chain seq x y z
N ALA A 10 16.78 -9.23 -4.21
CA ALA A 10 16.59 -8.05 -5.04
C ALA A 10 16.71 -8.38 -6.52
N ASN A 11 15.89 -9.33 -6.98
CA ASN A 11 15.91 -9.80 -8.36
C ASN A 11 14.51 -9.63 -8.93
N ASN A 12 14.37 -8.73 -9.90
CA ASN A 12 13.07 -8.32 -10.42
C ASN A 12 13.06 -8.46 -11.93
N ILE A 13 11.84 -8.40 -12.50
CA ILE A 13 11.66 -8.62 -13.94
C ILE A 13 11.42 -7.33 -14.70
N PHE A 14 11.26 -6.20 -14.01
CA PHE A 14 11.01 -4.93 -14.67
C PHE A 14 12.27 -4.43 -15.37
N ASP A 15 12.09 -3.41 -16.19
CA ASP A 15 13.19 -2.74 -16.86
C ASP A 15 13.57 -1.48 -16.06
N GLU A 16 14.71 -0.89 -16.44
CA GLU A 16 15.37 0.11 -15.59
C GLU A 16 14.45 1.26 -15.21
N LYS A 17 13.57 1.69 -16.11
CA LYS A 17 12.71 2.84 -15.87
C LYS A 17 11.26 2.39 -15.78
N VAL A 18 10.62 2.70 -14.65
CA VAL A 18 9.26 2.31 -14.36
C VAL A 18 8.45 3.55 -14.03
N TYR A 19 7.22 3.61 -14.56
CA TYR A 19 6.27 4.66 -14.20
C TYR A 19 5.31 4.09 -13.17
N VAL A 20 5.18 4.76 -12.03
CA VAL A 20 4.31 4.31 -10.95
C VAL A 20 3.24 5.36 -10.72
N ASN A 21 1.98 4.94 -10.78
CA ASN A 21 0.83 5.77 -10.48
C ASN A 21 0.07 5.13 -9.33
N VAL A 22 -0.16 5.90 -8.27
CA VAL A 22 -0.83 5.40 -7.07
C VAL A 22 -2.11 6.21 -6.87
N GLU A 23 -3.25 5.51 -6.80
CA GLU A 23 -4.54 6.12 -6.46
C GLU A 23 -5.07 5.51 -5.16
N LEU A 24 -5.91 6.28 -4.47
CA LEU A 24 -6.55 5.84 -3.24
C LEU A 24 -8.06 6.02 -3.36
N SER A 25 -8.79 5.28 -2.52
CA SER A 25 -10.24 5.34 -2.60
C SER A 25 -10.78 6.58 -1.89
N GLN A 26 -12.07 6.84 -2.14
CA GLN A 26 -12.78 7.92 -1.47
C GLN A 26 -12.76 7.74 0.05
N GLN A 27 -12.36 8.81 0.75
CA GLN A 27 -12.35 8.83 2.22
C GLN A 27 -12.58 10.26 2.67
N ASP A 28 -13.31 10.42 3.78
CA ASP A 28 -13.48 11.73 4.40
C ASP A 28 -13.88 11.61 5.86
N ASN A 31 -10.35 12.13 8.21
CA ASN A 31 -9.62 10.87 8.26
C ASN A 31 -8.85 10.62 6.97
N SER A 32 -9.06 11.51 5.99
CA SER A 32 -8.30 11.48 4.76
C SER A 32 -6.86 11.88 5.04
N ILE A 33 -5.90 11.05 4.63
CA ILE A 33 -4.48 11.33 4.86
C ILE A 33 -3.71 11.14 3.56
N TYR A 34 -2.54 11.78 3.50
CA TYR A 34 -1.64 11.69 2.36
C TYR A 34 -0.71 10.51 2.52
N VAL A 35 -0.79 9.56 1.59
CA VAL A 35 0.07 8.39 1.60
C VAL A 35 0.48 8.04 0.17
N ALA A 36 -0.19 8.65 -0.81
CA ALA A 36 -0.05 8.22 -2.19
C ALA A 36 1.41 8.32 -2.67
N ASP A 37 2.08 9.44 -2.37
CA ASP A 37 3.45 9.60 -2.80
C ASP A 37 4.41 8.74 -1.97
N THR A 38 4.05 8.47 -0.72
CA THR A 38 4.81 7.55 0.11
C THR A 38 4.78 6.15 -0.50
N LEU A 39 3.59 5.70 -0.91
CA LEU A 39 3.44 4.38 -1.53
C LEU A 39 4.23 4.30 -2.83
N LYS A 40 4.22 5.37 -3.62
CA LYS A 40 4.98 5.40 -4.86
C LYS A 40 6.48 5.24 -4.58
N GLU A 41 7.03 6.10 -3.72
CA GLU A 41 8.45 6.01 -3.44
C GLU A 41 8.81 4.70 -2.75
N MET A 42 7.86 4.13 -2.00
CA MET A 42 8.14 2.86 -1.33
C MET A 42 8.30 1.73 -2.34
N VAL A 43 7.34 1.57 -3.26
CA VAL A 43 7.41 0.42 -4.16
C VAL A 43 8.59 0.56 -5.11
N ILE A 44 8.88 1.77 -5.60
CA ILE A 44 9.97 1.91 -6.54
C ILE A 44 11.31 1.61 -5.88
N SER A 45 11.44 1.94 -4.58
CA SER A 45 12.65 1.55 -3.85
C SER A 45 12.73 0.04 -3.65
N LYS A 46 11.59 -0.62 -3.41
CA LYS A 46 11.58 -2.09 -3.36
C LYS A 46 11.94 -2.71 -4.70
N LEU A 47 11.44 -2.14 -5.81
CA LEU A 47 11.73 -2.66 -7.14
C LEU A 47 13.18 -2.44 -7.55
N GLY A 48 13.87 -1.49 -6.95
CA GLY A 48 15.26 -1.23 -7.27
C GLY A 48 15.47 -0.48 -8.57
N ARG A 49 14.41 0.01 -9.19
CA ARG A 49 14.50 0.75 -10.43
C ARG A 49 14.32 2.24 -10.19
N LYS A 50 14.52 3.02 -11.24
CA LYS A 50 14.42 4.46 -11.17
C LYS A 50 13.10 4.92 -11.77
N LEU A 51 12.44 5.86 -11.10
CA LEU A 51 11.17 6.39 -11.56
C LEU A 51 11.33 7.13 -12.88
N ALA A 52 10.26 7.12 -13.68
CA ALA A 52 10.27 7.78 -14.97
C ALA A 52 8.87 8.31 -15.28
N LEU A 53 8.81 9.29 -16.18
CA LEU A 53 7.53 9.84 -16.59
C LEU A 53 6.76 8.84 -17.45
N LYS A 54 5.43 8.99 -17.48
CA LYS A 54 4.56 7.96 -18.05
C LYS A 54 4.94 7.62 -19.48
N HIS A 55 5.20 8.62 -20.31
CA HIS A 55 5.51 8.39 -21.70
C HIS A 55 7.01 8.32 -21.97
N GLU A 56 7.82 8.29 -20.92
CA GLU A 56 9.25 8.04 -21.05
C GLU A 56 9.66 6.74 -20.36
N ALA A 57 8.70 5.91 -19.98
CA ALA A 57 8.96 4.71 -19.18
C ALA A 57 8.83 3.46 -20.03
N ASP A 58 9.52 2.41 -19.58
CA ASP A 58 9.41 1.12 -20.24
C ASP A 58 8.19 0.35 -19.75
N ASP A 59 8.05 0.23 -18.43
CA ASP A 59 6.93 -0.45 -17.81
C ASP A 59 6.10 0.54 -17.01
N VAL A 60 4.87 0.16 -16.74
CA VAL A 60 3.90 0.98 -16.01
C VAL A 60 3.25 0.12 -14.95
N ILE A 61 3.23 0.60 -13.71
CA ILE A 61 2.52 -0.04 -12.62
C ILE A 61 1.45 0.92 -12.13
N ASN A 62 0.20 0.48 -12.16
CA ASN A 62 -0.90 1.25 -11.57
C ASN A 62 -1.31 0.55 -10.27
N VAL A 63 -1.34 1.31 -9.19
CA VAL A 63 -1.66 0.78 -7.87
C VAL A 63 -2.83 1.58 -7.33
N LYS A 64 -3.84 0.87 -6.82
CA LYS A 64 -4.96 1.51 -6.16
C LYS A 64 -5.19 0.84 -4.83
N MET A 65 -5.09 1.60 -3.75
CA MET A 65 -5.39 1.06 -2.44
C MET A 65 -6.89 0.91 -2.28
N ASN A 66 -7.31 -0.27 -1.84
CA ASN A 66 -8.73 -0.59 -1.75
C ASN A 66 -8.99 -1.37 -0.47
N ASN A 67 -10.25 -1.31 -0.01
CA ASN A 67 -10.74 -2.09 1.12
C ASN A 67 -9.97 -1.77 2.40
N LEU A 68 -9.53 -0.53 2.53
CA LEU A 68 -8.84 -0.10 3.76
C LEU A 68 -9.81 -0.17 4.93
N GLU A 69 -9.46 -0.94 5.96
CA GLU A 69 -10.33 -1.10 7.12
C GLU A 69 -9.49 -1.20 8.39
N PHE A 70 -10.10 -0.73 9.49
CA PHE A 70 -9.52 -0.80 10.82
C PHE A 70 -10.39 -1.72 11.66
N ILE A 71 -9.92 -2.92 11.91
CA ILE A 71 -10.70 -3.97 12.59
C ILE A 71 -10.28 -4.03 14.04
N PRO A 72 -11.22 -3.98 14.99
CA PRO A 72 -10.85 -4.09 16.40
C PRO A 72 -10.31 -5.47 16.75
N LEU A 73 -9.16 -5.50 17.41
CA LEU A 73 -8.54 -6.74 17.86
C LEU A 73 -8.80 -7.04 19.32
N ALA A 74 -8.85 -6.03 20.18
CA ALA A 74 -8.97 -6.24 21.61
C ALA A 74 -9.74 -5.09 22.25
N TYR A 75 -10.39 -5.39 23.37
CA TYR A 75 -11.18 -4.42 24.12
C TYR A 75 -10.71 -4.41 25.56
N ASP A 76 -10.87 -3.27 26.23
CA ASP A 76 -10.50 -3.19 27.64
C ASP A 76 -11.66 -3.73 28.48
N LYS A 77 -11.56 -3.56 29.81
CA LYS A 77 -12.58 -4.10 30.71
C LYS A 77 -13.96 -3.50 30.48
N ASN A 78 -14.03 -2.28 29.94
CA ASN A 78 -15.29 -1.58 29.75
C ASN A 78 -15.91 -1.80 28.37
N GLY A 79 -15.16 -2.38 27.43
CA GLY A 79 -15.65 -2.55 26.08
C GLY A 79 -15.10 -1.56 25.08
N TYR A 80 -14.22 -0.66 25.50
CA TYR A 80 -13.58 0.27 24.57
C TYR A 80 -12.52 -0.46 23.77
N VAL A 81 -12.48 -0.17 22.46
CA VAL A 81 -11.45 -0.75 21.61
C VAL A 81 -10.09 -0.22 22.05
N ILE A 82 -9.12 -1.13 22.20
CA ILE A 82 -7.77 -0.76 22.58
C ILE A 82 -6.72 -1.29 21.62
N SER A 83 -7.12 -2.04 20.58
CA SER A 83 -6.16 -2.57 19.61
C SER A 83 -6.86 -2.75 18.28
N TYR A 84 -6.24 -2.24 17.22
CA TYR A 84 -6.80 -2.29 15.88
C TYR A 84 -5.88 -3.10 14.96
N LYS A 85 -6.49 -3.79 14.00
CA LYS A 85 -5.77 -4.36 12.86
C LYS A 85 -6.19 -3.57 11.63
N ALA A 86 -5.27 -2.80 11.06
CA ALA A 86 -5.52 -2.16 9.78
C ALA A 86 -5.18 -3.14 8.67
N LYS A 87 -6.08 -3.27 7.70
CA LYS A 87 -5.73 -4.08 6.54
C LYS A 87 -6.29 -3.42 5.30
N LEU A 88 -5.67 -3.75 4.18
CA LEU A 88 -6.01 -3.13 2.91
C LEU A 88 -5.58 -4.07 1.79
N ASN A 89 -6.09 -3.80 0.60
CA ASN A 89 -5.57 -4.41 -0.61
C ASN A 89 -4.88 -3.35 -1.47
N LEU A 90 -3.91 -3.79 -2.24
CA LEU A 90 -3.36 -3.00 -3.32
C LEU A 90 -3.78 -3.70 -4.60
N ASP A 91 -4.55 -3.01 -5.44
CA ASP A 91 -4.93 -3.53 -6.74
C ASP A 91 -3.89 -3.06 -7.77
N PHE A 92 -3.29 -4.02 -8.48
CA PHE A 92 -2.23 -3.73 -9.43
C PHE A 92 -2.69 -3.94 -10.85
N ASN A 93 -2.24 -3.05 -11.74
CA ASN A 93 -2.42 -3.17 -13.18
C ASN A 93 -1.05 -2.87 -13.80
N VAL A 94 -0.35 -3.91 -14.21
CA VAL A 94 1.01 -3.79 -14.71
C VAL A 94 0.98 -3.92 -16.23
N VAL A 95 1.61 -2.98 -16.91
CA VAL A 95 1.74 -3.03 -18.36
C VAL A 95 3.24 -2.95 -18.66
N PHE A 96 3.82 -4.08 -19.07
CA PHE A 96 5.24 -4.16 -19.35
C PHE A 96 5.56 -3.50 -20.69
N LYS A 97 6.86 -3.46 -21.01
CA LYS A 97 7.28 -2.92 -22.30
C LYS A 97 6.78 -3.78 -23.46
N ASP A 98 6.62 -5.09 -23.24
CA ASP A 98 6.12 -5.97 -24.28
C ASP A 98 4.69 -5.66 -24.67
N GLY A 99 3.88 -5.24 -23.70
CA GLY A 99 2.46 -5.02 -23.91
C GLY A 99 1.58 -5.95 -23.12
N SER A 100 2.14 -7.04 -22.58
CA SER A 100 1.38 -7.94 -21.74
C SER A 100 0.92 -7.23 -20.46
N SER A 101 -0.21 -7.69 -19.92
CA SER A 101 -0.84 -7.08 -18.76
C SER A 101 -1.15 -8.14 -17.71
N GLN A 102 -0.85 -7.82 -16.46
CA GLN A 102 -1.24 -8.65 -15.32
C GLN A 102 -2.02 -7.78 -14.36
N ALA A 103 -3.24 -8.21 -14.05
CA ALA A 103 -4.09 -7.54 -13.08
C ALA A 103 -4.33 -8.49 -11.92
N PHE A 104 -3.94 -8.05 -10.72
CA PHE A 104 -4.10 -8.85 -9.53
C PHE A 104 -3.93 -7.93 -8.33
N SER A 105 -4.27 -8.44 -7.15
CA SER A 105 -4.16 -7.67 -5.92
C SER A 105 -3.36 -8.45 -4.88
N THR A 106 -2.79 -7.72 -3.93
CA THR A 106 -2.18 -8.32 -2.76
C THR A 106 -2.73 -7.63 -1.52
N SER A 107 -2.53 -8.27 -0.38
CA SER A 107 -3.07 -7.83 0.90
C SER A 107 -1.94 -7.51 1.86
N GLY A 108 -2.26 -6.70 2.87
CA GLY A 108 -1.33 -6.40 3.94
C GLY A 108 -2.07 -5.91 5.16
N SER A 109 -1.45 -6.07 6.32
CA SER A 109 -2.10 -5.67 7.56
C SER A 109 -1.07 -5.19 8.57
N TYR A 110 -1.56 -4.50 9.60
CA TYR A 110 -0.68 -3.95 10.64
C TYR A 110 -1.48 -3.73 11.91
N ASN A 111 -1.02 -4.33 13.00
CA ASN A 111 -1.67 -4.22 14.30
C ASN A 111 -1.02 -3.12 15.13
N PHE A 112 -1.84 -2.31 15.79
CA PHE A 112 -1.34 -1.25 16.65
C PHE A 112 -2.31 -1.06 17.82
N GLU A 113 -1.79 -0.59 18.94
CA GLU A 113 -2.59 -0.28 20.11
C GLU A 113 -3.00 1.19 20.12
N ILE A 114 -4.09 1.48 20.84
CA ILE A 114 -4.58 2.84 20.97
C ILE A 114 -5.18 2.99 22.36
N SER A 115 -5.11 4.22 22.89
CA SER A 115 -5.70 4.49 24.19
C SER A 115 -7.22 4.34 24.13
N PRO A 116 -7.84 3.88 25.21
CA PRO A 116 -9.28 3.55 25.17
C PRO A 116 -10.16 4.74 24.83
N ASN A 117 -11.06 4.53 23.87
CA ASN A 117 -12.04 5.53 23.43
C ASN A 117 -11.38 6.86 23.10
N SER A 118 -10.30 6.80 22.33
CA SER A 118 -9.74 7.97 21.68
C SER A 118 -9.87 7.82 20.18
N ILE A 119 -9.60 8.89 19.47
CA ILE A 119 -9.68 8.89 18.01
C ILE A 119 -8.30 8.56 17.46
N ILE A 120 -8.26 7.71 16.45
CA ILE A 120 -6.99 7.31 15.83
C ILE A 120 -6.35 8.54 15.21
N SER A 121 -5.15 8.86 15.67
CA SER A 121 -4.46 10.05 15.16
C SER A 121 -4.12 9.88 13.69
N ASP A 122 -3.84 11.02 13.04
CA ASP A 122 -3.40 10.97 11.65
C ASP A 122 -2.03 10.29 11.53
N SER A 123 -1.18 10.45 12.54
CA SER A 123 0.10 9.76 12.54
C SER A 123 -0.10 8.25 12.61
N ALA A 124 -0.98 7.79 13.50
CA ALA A 124 -1.26 6.36 13.58
C ALA A 124 -1.89 5.83 12.30
N ARG A 125 -2.77 6.62 11.69
CA ARG A 125 -3.40 6.21 10.44
C ARG A 125 -2.36 6.08 9.33
N TYR A 126 -1.48 7.09 9.20
CA TYR A 126 -0.42 7.06 8.21
C TYR A 126 0.48 5.84 8.36
N GLU A 127 0.99 5.62 9.58
N GLU A 127 0.99 5.61 9.58
CA GLU A 127 1.92 4.51 9.79
CA GLU A 127 1.93 4.51 9.78
C GLU A 127 1.24 3.17 9.51
C GLU A 127 1.26 3.16 9.55
N ALA A 128 -0.01 3.03 9.94
CA ALA A 128 -0.72 1.77 9.73
C ALA A 128 -0.89 1.49 8.24
N ILE A 129 -1.22 2.52 7.46
CA ILE A 129 -1.37 2.33 6.02
C ILE A 129 -0.01 2.08 5.39
N ARG A 130 1.02 2.81 5.82
CA ARG A 130 2.36 2.62 5.30
C ARG A 130 2.84 1.19 5.50
N ALA A 131 2.67 0.68 6.73
CA ALA A 131 3.22 -0.62 7.06
C ALA A 131 2.45 -1.74 6.37
N ALA A 132 1.12 -1.65 6.36
CA ALA A 132 0.32 -2.63 5.66
C ALA A 132 0.59 -2.60 4.16
N SER A 133 0.72 -1.41 3.58
CA SER A 133 1.08 -1.33 2.17
C SER A 133 2.46 -1.90 1.93
N SER A 134 3.40 -1.67 2.86
CA SER A 134 4.73 -2.25 2.71
C SER A 134 4.66 -3.77 2.60
N GLU A 135 3.85 -4.41 3.45
CA GLU A 135 3.70 -5.87 3.37
C GLU A 135 3.06 -6.28 2.05
N ALA A 136 2.05 -5.54 1.61
CA ALA A 136 1.37 -5.85 0.36
C ALA A 136 2.32 -5.75 -0.82
N PHE A 137 3.21 -4.76 -0.83
CA PHE A 137 4.18 -4.62 -1.91
C PHE A 137 5.16 -5.79 -1.91
N ASP A 138 5.61 -6.23 -0.73
CA ASP A 138 6.49 -7.39 -0.66
C ASP A 138 5.88 -8.60 -1.35
N GLU A 139 4.59 -8.87 -1.10
CA GLU A 139 3.97 -10.00 -1.79
C GLU A 139 3.76 -9.71 -3.26
N PHE A 140 3.55 -8.45 -3.64
CA PHE A 140 3.54 -8.09 -5.05
C PHE A 140 4.88 -8.44 -5.71
N ILE A 141 5.99 -8.14 -5.03
CA ILE A 141 7.31 -8.44 -5.59
C ILE A 141 7.46 -9.94 -5.84
N SER A 142 7.11 -10.76 -4.85
CA SER A 142 7.29 -12.20 -4.98
C SER A 142 6.35 -12.81 -6.02
N VAL A 143 5.19 -12.19 -6.24
CA VAL A 143 4.26 -12.64 -7.27
C VAL A 143 4.89 -12.47 -8.66
N ILE A 144 5.71 -11.44 -8.81
CA ILE A 144 6.28 -11.12 -10.11
C ILE A 144 7.56 -11.91 -10.37
N ALA A 145 8.40 -12.08 -9.37
CA ALA A 145 9.59 -12.90 -9.51
C ALA A 145 9.23 -14.39 -9.52
C1 GOL B . -8.18 15.32 11.51
O1 GOL B . -8.98 14.18 11.65
C2 GOL B . -8.25 15.72 10.03
O2 GOL B . -8.38 14.63 9.19
C3 GOL B . -6.94 16.50 9.76
O3 GOL B . -6.99 17.65 10.54
C1 EDO C . -17.55 -5.78 24.73
O1 EDO C . -16.40 -6.58 25.02
C2 EDO C . -17.65 -5.54 23.22
O2 EDO C . -18.42 -4.36 22.98
#